data_2E8T
#
_entry.id   2E8T
#
_cell.length_a   47.378
_cell.length_b   116.100
_cell.length_c   128.252
_cell.angle_alpha   90.00
_cell.angle_beta   90.00
_cell.angle_gamma   90.00
#
_symmetry.space_group_name_H-M   'P 21 21 21'
#
loop_
_entity.id
_entity.type
_entity.pdbx_description
1 polymer 'Geranylgeranyl pyrophosphate synthetase'
2 non-polymer 'MAGNESIUM ION'
3 non-polymer '3-METHYLBUT-3-ENYL TRIHYDROGEN DIPHOSPHATE'
4 non-polymer 'S-[(2E,6E)-3,7,11-TRIMETHYLDODECA-2,6,10-TRIENYL] TRIHYDROGEN THIODIPHOSPHATE'
5 water water
#
_entity_poly.entity_id   1
_entity_poly.type   'polypeptide(L)'
_entity_poly.pdbx_seq_one_letter_code
;MTKNKMEAKIDELINNDPVWSSQNESLISKPYNHILLKPGKNFRLNLIVQINRVMNLPKDQLAIVSQIVELLHNSSLLID
DIEDNAPLRRGQTTSHLIFGVPSTINTANYMYFRAMQLVSQLTTKEPLYHNLITIFNEELINLHRGQGLDIYWRDFLPEI
IPTQEMYLNMVMNKTGGLFRLTLRLMEALSPSSHHGHSLVPFINLLGIIYQIRDDYLNLKDFQMSSEKGFAEDITEGKLS
FPIVHALNFTKTKGQTEQHNEILRILLLRTSDKDIKLKLIQILEFDTNSLAYTKNFINQLVNMIKNDNENKYLPDLASHS
DTATNLHDELLYIIDHLSEL
;
_entity_poly.pdbx_strand_id   A,B
#
# COMPACT_ATOMS: atom_id res chain seq x y z
N ASN A 4 1.81 -30.74 -27.60
CA ASN A 4 2.95 -29.83 -27.95
C ASN A 4 2.49 -28.40 -28.26
N LYS A 5 1.19 -28.20 -28.39
CA LYS A 5 0.63 -26.88 -28.68
C LYS A 5 0.52 -26.08 -27.38
N MET A 6 0.28 -26.80 -26.29
CA MET A 6 0.17 -26.22 -24.97
C MET A 6 1.56 -25.73 -24.57
N GLU A 7 2.55 -26.47 -25.03
CA GLU A 7 3.95 -26.19 -24.77
C GLU A 7 4.40 -24.98 -25.58
N ALA A 8 3.91 -24.87 -26.81
CA ALA A 8 4.24 -23.73 -27.63
C ALA A 8 3.57 -22.52 -26.99
N LYS A 9 2.35 -22.72 -26.52
CA LYS A 9 1.59 -21.67 -25.87
C LYS A 9 2.33 -21.22 -24.62
N ILE A 10 2.74 -22.16 -23.79
CA ILE A 10 3.47 -21.82 -22.57
C ILE A 10 4.76 -21.12 -22.98
N ASP A 11 5.35 -21.59 -24.08
CA ASP A 11 6.58 -21.01 -24.56
C ASP A 11 6.38 -19.58 -25.05
N GLU A 12 5.31 -19.29 -25.80
CA GLU A 12 5.09 -17.91 -26.28
C GLU A 12 4.84 -16.89 -25.13
N LEU A 13 4.20 -17.37 -24.09
CA LEU A 13 3.86 -16.58 -22.92
C LEU A 13 5.09 -16.16 -22.08
N ILE A 14 5.83 -17.14 -21.58
CA ILE A 14 6.98 -16.89 -20.74
C ILE A 14 8.09 -16.14 -21.44
N ASN A 15 7.96 -16.01 -22.75
CA ASN A 15 8.96 -15.32 -23.54
C ASN A 15 8.57 -13.94 -23.94
N ASN A 16 7.40 -13.49 -23.48
CA ASN A 16 6.85 -12.16 -23.74
C ASN A 16 6.54 -11.44 -22.42
N ASP A 17 6.40 -10.13 -22.47
CA ASP A 17 6.05 -9.37 -21.28
C ASP A 17 4.65 -9.79 -20.85
N PRO A 18 4.33 -9.69 -19.53
CA PRO A 18 2.96 -10.11 -19.17
C PRO A 18 1.93 -9.26 -19.89
N VAL A 19 0.83 -9.89 -20.32
CA VAL A 19 -0.25 -9.21 -21.03
C VAL A 19 -1.17 -8.35 -20.13
N TRP A 20 -1.42 -7.11 -20.52
CA TRP A 20 -2.32 -6.25 -19.75
C TRP A 20 -3.16 -5.40 -20.70
N SER A 21 -4.48 -5.61 -20.67
CA SER A 21 -5.36 -4.84 -21.53
C SER A 21 -5.86 -3.56 -20.86
N SER A 22 -6.46 -2.70 -21.68
CA SER A 22 -7.04 -1.45 -21.22
C SER A 22 -8.34 -1.80 -20.52
N GLN A 23 -8.93 -2.94 -20.88
CA GLN A 23 -10.18 -3.35 -20.23
C GLN A 23 -9.81 -3.70 -18.78
N ASN A 24 -8.72 -4.42 -18.61
CA ASN A 24 -8.32 -4.78 -17.28
C ASN A 24 -7.87 -3.59 -16.48
N GLU A 25 -7.27 -2.61 -17.17
CA GLU A 25 -6.85 -1.38 -16.54
C GLU A 25 -8.09 -0.65 -15.97
N SER A 26 -9.20 -0.67 -16.70
CA SER A 26 -10.43 -0.02 -16.20
C SER A 26 -11.02 -0.77 -15.01
N LEU A 27 -11.14 -2.09 -15.14
CA LEU A 27 -11.71 -2.91 -14.06
C LEU A 27 -11.01 -2.67 -12.72
N ILE A 28 -9.69 -2.57 -12.71
CA ILE A 28 -9.03 -2.37 -11.44
C ILE A 28 -8.89 -0.89 -11.03
N SER A 29 -9.34 0.03 -11.87
CA SER A 29 -9.24 1.44 -11.51
C SER A 29 -10.52 1.94 -10.87
N LYS A 30 -11.54 1.09 -10.77
CA LYS A 30 -12.81 1.52 -10.17
C LYS A 30 -12.73 2.34 -8.87
N PRO A 31 -12.03 1.83 -7.82
CA PRO A 31 -11.94 2.58 -6.55
C PRO A 31 -11.36 3.97 -6.74
N TYR A 32 -10.40 4.06 -7.63
CA TYR A 32 -9.75 5.31 -7.89
C TYR A 32 -10.68 6.22 -8.68
N ASN A 33 -11.28 5.71 -9.74
CA ASN A 33 -12.18 6.54 -10.50
C ASN A 33 -13.31 7.05 -9.62
N HIS A 34 -13.75 6.25 -8.66
CA HIS A 34 -14.83 6.73 -7.82
C HIS A 34 -14.40 7.94 -6.98
N ILE A 35 -13.21 7.91 -6.41
CA ILE A 35 -12.82 9.07 -5.59
C ILE A 35 -12.51 10.29 -6.45
N LEU A 36 -12.27 10.10 -7.73
CA LEU A 36 -12.01 11.24 -8.61
C LEU A 36 -13.26 12.10 -8.78
N LEU A 37 -14.42 11.49 -8.71
CA LEU A 37 -15.68 12.22 -8.84
C LEU A 37 -15.87 13.33 -7.80
N LYS A 38 -14.93 13.45 -6.87
CA LYS A 38 -14.99 14.43 -5.78
C LYS A 38 -14.25 15.78 -5.97
N ARG A 44 -5.74 22.22 -4.51
CA ARG A 44 -4.40 21.54 -4.70
C ARG A 44 -3.66 22.09 -5.91
N LEU A 45 -4.38 22.30 -7.00
CA LEU A 45 -3.80 22.84 -8.21
C LEU A 45 -3.51 24.33 -8.04
N ASN A 46 -4.16 24.93 -7.05
CA ASN A 46 -3.98 26.36 -6.78
C ASN A 46 -2.65 26.67 -6.09
N LEU A 47 -2.33 25.91 -5.03
CA LEU A 47 -1.07 26.12 -4.30
C LEU A 47 0.14 25.84 -5.22
N ILE A 48 0.02 24.83 -6.08
CA ILE A 48 1.12 24.51 -6.99
C ILE A 48 1.32 25.70 -7.94
N VAL A 49 0.23 26.25 -8.46
CA VAL A 49 0.28 27.37 -9.39
C VAL A 49 0.96 28.58 -8.79
N GLN A 50 0.68 28.88 -7.53
CA GLN A 50 1.28 30.01 -6.87
C GLN A 50 2.76 29.80 -6.64
N ILE A 51 3.09 28.70 -5.99
CA ILE A 51 4.49 28.47 -5.72
C ILE A 51 5.27 28.56 -7.01
N ASN A 52 4.66 28.17 -8.11
CA ASN A 52 5.41 28.22 -9.35
C ASN A 52 5.70 29.64 -9.81
N ARG A 53 5.00 30.62 -9.25
CA ARG A 53 5.30 31.99 -9.60
C ARG A 53 6.75 32.20 -9.16
N VAL A 54 7.19 31.38 -8.20
CA VAL A 54 8.55 31.47 -7.70
C VAL A 54 9.55 30.52 -8.37
N MET A 55 9.12 29.28 -8.59
CA MET A 55 9.98 28.25 -9.16
C MET A 55 10.08 28.25 -10.70
N ASN A 56 9.04 28.73 -11.37
CA ASN A 56 8.98 28.81 -12.83
C ASN A 56 9.31 27.57 -13.64
N LEU A 57 8.58 26.48 -13.41
CA LEU A 57 8.83 25.28 -14.18
C LEU A 57 8.00 25.56 -15.42
N PRO A 58 8.39 25.02 -16.57
CA PRO A 58 7.58 25.25 -17.77
C PRO A 58 6.20 24.56 -17.57
N LYS A 59 5.15 25.11 -18.15
CA LYS A 59 3.81 24.56 -17.96
C LYS A 59 3.61 23.06 -18.17
N ASP A 60 4.34 22.49 -19.10
CA ASP A 60 4.19 21.07 -19.40
C ASP A 60 4.78 20.22 -18.28
N GLN A 61 5.83 20.72 -17.66
CA GLN A 61 6.47 20.02 -16.57
C GLN A 61 5.67 20.24 -15.27
N LEU A 62 5.06 21.40 -15.12
CA LEU A 62 4.29 21.67 -13.93
C LEU A 62 3.03 20.80 -13.92
N ALA A 63 2.55 20.43 -15.11
CA ALA A 63 1.35 19.60 -15.19
C ALA A 63 1.63 18.14 -14.78
N ILE A 64 2.86 17.71 -14.90
CA ILE A 64 3.22 16.37 -14.48
C ILE A 64 3.40 16.33 -12.97
N VAL A 65 4.04 17.35 -12.41
CA VAL A 65 4.20 17.41 -10.97
C VAL A 65 2.77 17.34 -10.39
N SER A 66 1.86 18.06 -11.03
CA SER A 66 0.50 18.10 -10.57
C SER A 66 -0.20 16.76 -10.62
N GLN A 67 -0.01 15.98 -11.68
CA GLN A 67 -0.63 14.66 -11.83
C GLN A 67 -0.06 13.70 -10.78
N ILE A 68 1.24 13.85 -10.49
CA ILE A 68 1.88 13.00 -9.50
C ILE A 68 1.26 13.24 -8.12
N VAL A 69 1.27 14.49 -7.70
CA VAL A 69 0.70 14.87 -6.41
C VAL A 69 -0.79 14.48 -6.34
N GLU A 70 -1.50 14.56 -7.47
CA GLU A 70 -2.92 14.22 -7.49
C GLU A 70 -3.08 12.71 -7.27
N LEU A 71 -2.26 11.91 -7.92
CA LEU A 71 -2.32 10.48 -7.73
C LEU A 71 -1.94 10.12 -6.28
N LEU A 72 -0.85 10.66 -5.76
CA LEU A 72 -0.47 10.34 -4.39
C LEU A 72 -1.52 10.76 -3.36
N HIS A 73 -2.06 11.99 -3.46
CA HIS A 73 -3.07 12.48 -2.52
C HIS A 73 -4.34 11.62 -2.53
N ASN A 74 -4.87 11.36 -3.73
CA ASN A 74 -6.08 10.60 -3.85
C ASN A 74 -5.97 9.16 -3.35
N SER A 75 -4.85 8.52 -3.66
CA SER A 75 -4.58 7.14 -3.26
C SER A 75 -4.42 7.08 -1.75
N SER A 76 -3.77 8.10 -1.24
CA SER A 76 -3.54 8.31 0.17
C SER A 76 -4.91 8.31 0.92
N LEU A 77 -5.90 9.01 0.35
CA LEU A 77 -7.24 9.12 0.94
C LEU A 77 -7.95 7.78 0.89
N LEU A 78 -7.84 7.08 -0.24
CA LEU A 78 -8.50 5.77 -0.32
C LEU A 78 -8.06 4.89 0.83
N ILE A 79 -6.74 4.90 1.08
CA ILE A 79 -6.09 4.09 2.10
C ILE A 79 -6.48 4.62 3.50
N ASP A 80 -6.38 5.94 3.64
CA ASP A 80 -6.73 6.53 4.91
C ASP A 80 -8.17 6.21 5.35
N ASP A 81 -9.12 6.28 4.43
CA ASP A 81 -10.49 5.96 4.75
C ASP A 81 -10.69 4.48 5.20
N ILE A 82 -9.88 3.56 4.67
CA ILE A 82 -9.98 2.15 5.11
C ILE A 82 -9.41 2.12 6.54
N GLU A 83 -8.22 2.72 6.72
CA GLU A 83 -7.54 2.77 8.00
C GLU A 83 -8.39 3.43 9.09
N ASP A 84 -9.20 4.42 8.70
CA ASP A 84 -10.03 5.12 9.67
C ASP A 84 -11.50 4.65 9.71
N ASN A 85 -11.81 3.59 8.97
CA ASN A 85 -13.16 3.06 8.95
C ASN A 85 -14.17 4.21 8.59
N ALA A 86 -13.81 5.07 7.63
CA ALA A 86 -14.67 6.20 7.27
C ALA A 86 -15.76 5.78 6.29
N PRO A 87 -17.00 6.20 6.53
CA PRO A 87 -18.10 5.86 5.63
C PRO A 87 -18.29 6.89 4.51
N LEU A 88 -17.74 8.09 4.69
CA LEU A 88 -17.92 9.19 3.74
C LEU A 88 -16.65 9.96 3.46
N ARG A 89 -16.50 10.45 2.24
CA ARG A 89 -15.33 11.29 1.93
C ARG A 89 -15.87 12.36 0.96
N ARG A 90 -15.63 13.64 1.25
CA ARG A 90 -16.16 14.69 0.37
C ARG A 90 -17.66 14.49 0.10
N GLY A 91 -18.42 14.21 1.14
CA GLY A 91 -19.87 14.03 0.98
C GLY A 91 -20.33 12.76 0.26
N GLN A 92 -19.41 11.91 -0.13
CA GLN A 92 -19.80 10.71 -0.84
C GLN A 92 -19.38 9.40 -0.12
N THR A 93 -20.05 8.30 -0.44
CA THR A 93 -19.72 7.02 0.11
C THR A 93 -18.25 6.66 -0.24
N THR A 94 -17.56 6.16 0.75
CA THR A 94 -16.17 5.79 0.55
C THR A 94 -16.01 4.58 -0.37
N SER A 95 -14.95 4.59 -1.17
CA SER A 95 -14.72 3.50 -2.09
C SER A 95 -14.65 2.09 -1.52
N HIS A 96 -14.03 1.91 -0.34
CA HIS A 96 -13.91 0.53 0.18
C HIS A 96 -15.27 -0.05 0.48
N LEU A 97 -16.24 0.80 0.83
CA LEU A 97 -17.60 0.32 1.11
C LEU A 97 -18.35 0.00 -0.19
N ILE A 98 -17.82 0.43 -1.33
CA ILE A 98 -18.52 0.11 -2.55
C ILE A 98 -17.88 -1.08 -3.23
N PHE A 99 -16.57 -0.98 -3.50
CA PHE A 99 -15.84 -2.07 -4.18
C PHE A 99 -15.15 -3.06 -3.24
N GLY A 100 -15.16 -2.75 -1.95
CA GLY A 100 -14.54 -3.64 -0.97
C GLY A 100 -13.13 -3.18 -0.60
N VAL A 101 -12.74 -3.50 0.64
CA VAL A 101 -11.41 -3.18 1.13
C VAL A 101 -10.30 -3.81 0.25
N PRO A 102 -10.45 -5.07 -0.16
CA PRO A 102 -9.37 -5.66 -0.98
C PRO A 102 -8.99 -4.92 -2.28
N SER A 103 -9.97 -4.60 -3.12
CA SER A 103 -9.68 -3.88 -4.35
C SER A 103 -9.23 -2.50 -4.08
N THR A 104 -9.79 -1.87 -3.05
CA THR A 104 -9.40 -0.49 -2.78
C THR A 104 -7.96 -0.39 -2.31
N ILE A 105 -7.52 -1.31 -1.46
CA ILE A 105 -6.11 -1.27 -1.03
C ILE A 105 -5.21 -1.50 -2.27
N ASN A 106 -5.51 -2.55 -3.01
CA ASN A 106 -4.67 -2.89 -4.14
C ASN A 106 -4.60 -1.74 -5.15
N THR A 107 -5.76 -1.15 -5.50
CA THR A 107 -5.79 -0.10 -6.47
C THR A 107 -5.02 1.15 -6.00
N ALA A 108 -5.24 1.55 -4.74
CA ALA A 108 -4.54 2.70 -4.20
C ALA A 108 -3.02 2.42 -4.24
N ASN A 109 -2.60 1.21 -3.85
CA ASN A 109 -1.19 0.86 -3.84
C ASN A 109 -0.69 0.89 -5.29
N TYR A 110 -1.51 0.40 -6.23
CA TYR A 110 -1.14 0.44 -7.66
C TYR A 110 -0.87 1.89 -8.10
N MET A 111 -1.73 2.82 -7.68
CA MET A 111 -1.58 4.20 -8.06
C MET A 111 -0.33 4.83 -7.44
N TYR A 112 0.15 4.32 -6.30
CA TYR A 112 1.39 4.87 -5.76
C TYR A 112 2.49 4.60 -6.80
N PHE A 113 2.47 3.42 -7.43
CA PHE A 113 3.54 3.10 -8.38
C PHE A 113 3.37 3.76 -9.73
N ARG A 114 2.12 4.05 -10.09
CA ARG A 114 1.87 4.77 -11.32
C ARG A 114 2.46 6.17 -11.13
N ALA A 115 2.23 6.78 -9.95
CA ALA A 115 2.78 8.10 -9.66
C ALA A 115 4.33 8.06 -9.74
N MET A 116 4.91 7.04 -9.13
CA MET A 116 6.37 6.91 -9.16
C MET A 116 6.86 6.83 -10.62
N GLN A 117 6.15 6.05 -11.43
CA GLN A 117 6.51 5.89 -12.82
C GLN A 117 6.55 7.26 -13.54
N LEU A 118 5.65 8.18 -13.18
CA LEU A 118 5.60 9.54 -13.79
C LEU A 118 6.85 10.40 -13.51
N VAL A 119 7.53 10.15 -12.40
CA VAL A 119 8.73 10.90 -12.07
C VAL A 119 9.69 10.95 -13.26
N SER A 120 9.69 9.91 -14.10
CA SER A 120 10.61 9.91 -15.23
C SER A 120 10.22 10.83 -16.40
N GLN A 121 8.96 11.24 -16.49
CA GLN A 121 8.57 12.12 -17.56
C GLN A 121 9.00 13.56 -17.21
N LEU A 122 9.61 13.73 -16.05
CA LEU A 122 10.00 15.06 -15.62
C LEU A 122 11.38 15.54 -16.11
N THR A 123 12.29 14.60 -16.36
CA THR A 123 13.64 14.93 -16.81
C THR A 123 14.17 13.82 -17.67
N THR A 124 15.29 14.09 -18.33
CA THR A 124 15.99 13.10 -19.13
C THR A 124 17.40 13.16 -18.62
N LYS A 125 17.63 14.03 -17.63
CA LYS A 125 18.93 14.19 -17.03
C LYS A 125 19.06 13.24 -15.87
N GLU A 126 19.94 12.25 -16.01
CA GLU A 126 20.14 11.24 -14.98
C GLU A 126 20.42 11.74 -13.57
N PRO A 127 21.38 12.65 -13.38
CA PRO A 127 21.65 13.13 -12.00
C PRO A 127 20.39 13.69 -11.30
N LEU A 128 19.61 14.45 -12.07
CA LEU A 128 18.40 15.07 -11.56
C LEU A 128 17.31 14.03 -11.29
N TYR A 129 17.18 13.05 -12.18
CA TYR A 129 16.15 12.04 -12.02
C TYR A 129 16.37 11.35 -10.70
N HIS A 130 17.61 10.98 -10.46
CA HIS A 130 17.98 10.31 -9.23
C HIS A 130 17.52 11.15 -8.04
N ASN A 131 17.67 12.47 -8.14
CA ASN A 131 17.26 13.31 -7.02
C ASN A 131 15.75 13.36 -6.86
N LEU A 132 15.04 13.43 -7.98
CA LEU A 132 13.60 13.48 -7.94
C LEU A 132 13.09 12.20 -7.28
N ILE A 133 13.66 11.04 -7.66
CA ILE A 133 13.26 9.79 -7.07
C ILE A 133 13.54 9.73 -5.56
N THR A 134 14.70 10.22 -5.13
CA THR A 134 15.05 10.24 -3.71
C THR A 134 14.05 11.08 -2.90
N ILE A 135 13.63 12.22 -3.44
CA ILE A 135 12.69 13.09 -2.77
C ILE A 135 11.34 12.33 -2.61
N PHE A 136 10.91 11.75 -3.73
CA PHE A 136 9.68 10.95 -3.78
C PHE A 136 9.76 9.86 -2.70
N ASN A 137 10.85 9.09 -2.73
CA ASN A 137 11.04 8.00 -1.77
C ASN A 137 11.01 8.46 -0.31
N GLU A 138 11.78 9.51 -0.03
CA GLU A 138 11.92 10.08 1.29
C GLU A 138 10.63 10.52 1.93
N GLU A 139 9.87 11.32 1.18
CA GLU A 139 8.64 11.83 1.71
C GLU A 139 7.54 10.79 1.82
N LEU A 140 7.61 9.73 0.99
CA LEU A 140 6.60 8.68 1.08
C LEU A 140 6.93 7.86 2.32
N ILE A 141 8.21 7.74 2.61
CA ILE A 141 8.65 7.07 3.81
C ILE A 141 8.11 7.94 4.98
N ASN A 142 8.33 9.26 4.90
CA ASN A 142 7.86 10.15 5.99
C ASN A 142 6.34 10.08 6.20
N LEU A 143 5.60 10.12 5.10
CA LEU A 143 4.14 10.01 5.17
C LEU A 143 3.72 8.76 5.97
N HIS A 144 4.31 7.61 5.63
CA HIS A 144 3.96 6.36 6.30
C HIS A 144 4.34 6.32 7.78
N ARG A 145 5.41 7.02 8.14
CA ARG A 145 5.82 7.11 9.53
C ARG A 145 4.79 7.86 10.37
N GLY A 146 4.35 9.01 9.90
CA GLY A 146 3.35 9.79 10.63
C GLY A 146 2.02 9.08 10.69
N GLN A 147 1.58 8.59 9.54
CA GLN A 147 0.33 7.85 9.45
C GLN A 147 0.43 6.62 10.42
N GLY A 148 1.59 5.94 10.44
CA GLY A 148 1.76 4.79 11.33
C GLY A 148 1.59 5.20 12.78
N LEU A 149 2.16 6.33 13.20
CA LEU A 149 1.96 6.80 14.58
C LEU A 149 0.51 7.21 14.86
N ASP A 150 -0.12 7.94 13.91
CA ASP A 150 -1.49 8.39 14.13
C ASP A 150 -2.36 7.13 14.41
N ILE A 151 -2.19 6.11 13.58
CA ILE A 151 -2.92 4.82 13.69
C ILE A 151 -2.57 4.02 14.98
N TYR A 152 -1.29 3.93 15.31
CA TYR A 152 -0.91 3.14 16.49
C TYR A 152 -1.51 3.76 17.76
N TRP A 153 -1.31 5.06 17.95
CA TRP A 153 -1.84 5.75 19.12
C TRP A 153 -3.32 5.52 19.27
N ARG A 154 -4.02 5.58 18.14
CA ARG A 154 -5.47 5.40 18.19
C ARG A 154 -5.90 3.96 18.49
N ASP A 155 -5.36 2.98 17.76
CA ASP A 155 -5.79 1.61 17.97
C ASP A 155 -5.26 0.94 19.23
N PHE A 156 -4.24 1.53 19.86
CA PHE A 156 -3.68 0.98 21.07
C PHE A 156 -3.92 1.79 22.29
N LEU A 157 -4.75 2.83 22.14
CA LEU A 157 -5.10 3.71 23.25
C LEU A 157 -5.66 2.85 24.44
N PRO A 158 -5.28 3.17 25.71
CA PRO A 158 -4.40 4.23 26.16
C PRO A 158 -2.94 3.78 26.32
N GLU A 159 -2.43 2.91 25.44
CA GLU A 159 -1.04 2.49 25.59
C GLU A 159 -0.13 3.71 25.55
N ILE A 160 -0.43 4.62 24.64
CA ILE A 160 0.38 5.81 24.54
C ILE A 160 -0.54 7.02 24.47
N ILE A 161 -0.26 8.00 25.30
CA ILE A 161 -1.04 9.23 25.31
C ILE A 161 0.00 10.18 24.74
N PRO A 162 -0.19 10.61 23.49
CA PRO A 162 0.84 11.53 22.95
C PRO A 162 0.77 12.93 23.57
N THR A 163 1.93 13.57 23.69
CA THR A 163 2.01 14.94 24.19
C THR A 163 1.83 15.84 22.96
N GLN A 164 1.69 17.13 23.19
CA GLN A 164 1.56 18.08 22.11
C GLN A 164 2.78 17.94 21.17
N GLU A 165 3.96 17.85 21.76
CA GLU A 165 5.17 17.70 20.98
C GLU A 165 5.12 16.44 20.08
N MET A 166 4.72 15.31 20.64
CA MET A 166 4.65 14.11 19.80
C MET A 166 3.66 14.24 18.64
N TYR A 167 2.51 14.86 18.90
CA TYR A 167 1.51 15.06 17.87
C TYR A 167 2.05 15.91 16.73
N LEU A 168 2.75 16.99 17.08
CA LEU A 168 3.32 17.90 16.08
C LEU A 168 4.35 17.15 15.24
N ASN A 169 5.15 16.29 15.88
CA ASN A 169 6.13 15.54 15.09
C ASN A 169 5.37 14.59 14.17
N MET A 170 4.30 13.99 14.65
CA MET A 170 3.56 13.06 13.82
C MET A 170 2.98 13.79 12.60
N VAL A 171 2.42 14.98 12.83
CA VAL A 171 1.82 15.77 11.78
C VAL A 171 2.87 16.27 10.74
N MET A 172 4.07 16.63 11.23
CA MET A 172 5.17 17.05 10.34
C MET A 172 5.46 15.90 9.32
N ASN A 173 5.34 14.66 9.79
CA ASN A 173 5.58 13.51 8.92
C ASN A 173 4.34 13.29 8.02
N LYS A 174 3.21 13.06 8.67
CA LYS A 174 1.93 12.75 8.04
C LYS A 174 1.31 13.71 7.05
N THR A 175 1.22 14.98 7.43
CA THR A 175 0.61 15.96 6.58
C THR A 175 1.66 16.76 5.83
N GLY A 176 2.73 17.15 6.52
CA GLY A 176 3.82 17.87 5.88
C GLY A 176 4.51 17.04 4.80
N GLY A 177 4.31 15.72 4.84
CA GLY A 177 4.95 14.86 3.84
C GLY A 177 4.64 15.20 2.39
N LEU A 178 3.36 15.31 2.06
CA LEU A 178 2.97 15.62 0.70
C LEU A 178 3.32 17.05 0.31
N PHE A 179 3.21 17.97 1.27
CA PHE A 179 3.54 19.37 1.02
C PHE A 179 5.00 19.49 0.67
N ARG A 180 5.84 18.85 1.46
CA ARG A 180 7.27 18.89 1.21
C ARG A 180 7.57 18.18 -0.11
N LEU A 181 6.93 17.03 -0.35
CA LEU A 181 7.20 16.32 -1.61
C LEU A 181 7.02 17.24 -2.81
N THR A 182 5.85 17.85 -2.91
CA THR A 182 5.49 18.75 -4.01
C THR A 182 6.49 19.90 -4.17
N LEU A 183 6.83 20.52 -3.03
CA LEU A 183 7.75 21.63 -3.00
C LEU A 183 9.17 21.21 -3.33
N ARG A 184 9.63 20.10 -2.76
CA ARG A 184 11.00 19.69 -3.06
C ARG A 184 11.17 19.25 -4.50
N LEU A 185 10.11 18.75 -5.13
CA LEU A 185 10.20 18.33 -6.53
C LEU A 185 10.29 19.61 -7.37
N MET A 186 9.48 20.62 -7.02
CA MET A 186 9.48 21.88 -7.75
C MET A 186 10.78 22.67 -7.55
N GLU A 187 11.29 22.72 -6.31
CA GLU A 187 12.55 23.40 -6.05
C GLU A 187 13.68 22.70 -6.83
N ALA A 188 13.66 21.38 -6.91
CA ALA A 188 14.70 20.69 -7.67
C ALA A 188 14.56 20.84 -9.21
N LEU A 189 13.35 21.13 -9.70
CA LEU A 189 13.13 21.26 -11.12
C LEU A 189 13.31 22.69 -11.58
N SER A 190 13.02 23.62 -10.68
CA SER A 190 13.11 25.03 -10.99
C SER A 190 14.34 25.43 -11.78
N PRO A 191 14.14 26.16 -12.89
CA PRO A 191 15.26 26.61 -13.72
C PRO A 191 15.67 27.99 -13.22
N SER A 192 14.79 28.60 -12.43
CA SER A 192 14.95 29.95 -11.87
C SER A 192 16.09 30.17 -10.87
N HIS A 195 16.37 31.32 -6.33
CA HIS A 195 15.09 32.00 -5.92
C HIS A 195 15.05 32.43 -4.44
N GLY A 196 16.08 32.06 -3.66
CA GLY A 196 16.13 32.44 -2.25
C GLY A 196 16.31 31.28 -1.27
N HIS A 197 15.95 31.50 -0.01
CA HIS A 197 16.05 30.47 1.03
C HIS A 197 14.98 29.41 0.72
N SER A 198 15.22 28.16 1.09
CA SER A 198 14.22 27.12 0.81
C SER A 198 12.93 27.45 1.50
N LEU A 199 11.84 27.12 0.81
CA LEU A 199 10.51 27.33 1.32
C LEU A 199 10.01 26.10 2.13
N VAL A 200 10.90 25.14 2.41
CA VAL A 200 10.49 23.95 3.17
C VAL A 200 9.90 24.33 4.57
N PRO A 201 10.59 25.20 5.34
CA PRO A 201 10.06 25.59 6.68
C PRO A 201 8.63 26.17 6.58
N PHE A 202 8.36 26.96 5.55
CA PHE A 202 7.03 27.53 5.35
C PHE A 202 5.97 26.48 4.98
N ILE A 203 6.37 25.50 4.17
CA ILE A 203 5.43 24.47 3.76
C ILE A 203 5.17 23.54 4.97
N ASN A 204 6.14 23.36 5.86
CA ASN A 204 5.99 22.54 7.07
C ASN A 204 4.94 23.19 7.97
N LEU A 205 5.07 24.52 8.11
CA LEU A 205 4.14 25.31 8.92
C LEU A 205 2.75 25.24 8.31
N LEU A 206 2.66 25.29 7.00
CA LEU A 206 1.37 25.21 6.32
C LEU A 206 0.72 23.82 6.55
N GLY A 207 1.53 22.76 6.53
CA GLY A 207 0.99 21.43 6.77
C GLY A 207 0.49 21.31 8.22
N ILE A 208 1.24 21.89 9.16
CA ILE A 208 0.85 21.87 10.59
C ILE A 208 -0.44 22.65 10.81
N ILE A 209 -0.50 23.89 10.30
CA ILE A 209 -1.72 24.67 10.44
C ILE A 209 -2.86 23.89 9.80
N TYR A 210 -2.60 23.33 8.63
CA TYR A 210 -3.60 22.57 7.88
C TYR A 210 -4.23 21.40 8.67
N GLN A 211 -3.38 20.62 9.33
CA GLN A 211 -3.87 19.47 10.06
C GLN A 211 -4.65 19.86 11.33
N ILE A 212 -4.16 20.84 12.05
CA ILE A 212 -4.82 21.25 13.28
C ILE A 212 -6.19 21.84 12.96
N ARG A 213 -6.28 22.54 11.82
CA ARG A 213 -7.54 23.14 11.37
C ARG A 213 -8.51 22.02 11.02
N ASP A 214 -8.01 21.00 10.33
CA ASP A 214 -8.83 19.84 9.94
C ASP A 214 -9.42 19.22 11.25
N ASP A 215 -8.55 18.98 12.24
CA ASP A 215 -8.98 18.43 13.54
C ASP A 215 -10.00 19.34 14.24
N TYR A 216 -9.70 20.61 14.28
CA TYR A 216 -10.59 21.57 14.92
C TYR A 216 -11.97 21.61 14.24
N LEU A 217 -12.00 21.90 12.94
CA LEU A 217 -13.25 21.99 12.21
C LEU A 217 -14.10 20.75 12.34
N ASN A 218 -13.43 19.60 12.42
CA ASN A 218 -14.13 18.34 12.55
C ASN A 218 -15.05 18.35 13.78
N LEU A 219 -14.73 19.13 14.82
CA LEU A 219 -15.62 19.14 15.99
C LEU A 219 -16.45 20.42 16.14
N LYS A 220 -15.88 21.56 15.75
CA LYS A 220 -16.54 22.87 15.88
C LYS A 220 -17.76 22.96 14.97
N ASP A 221 -17.75 22.21 13.88
CA ASP A 221 -18.92 22.21 13.00
C ASP A 221 -20.05 21.30 13.51
N PHE A 222 -19.77 20.51 14.54
CA PHE A 222 -20.77 19.64 15.13
C PHE A 222 -21.38 20.41 16.30
N GLN A 223 -20.53 20.97 17.15
CA GLN A 223 -21.00 21.75 18.29
C GLN A 223 -21.98 22.88 17.89
N GLY A 229 -20.98 18.77 9.16
CA GLY A 229 -20.07 17.68 9.64
C GLY A 229 -20.75 16.81 10.69
N PHE A 230 -20.06 15.75 11.17
CA PHE A 230 -20.60 14.78 12.15
C PHE A 230 -19.60 14.30 13.24
N ALA A 231 -18.57 15.09 13.50
CA ALA A 231 -17.52 14.78 14.49
C ALA A 231 -17.11 13.34 14.33
N GLU A 232 -16.84 12.94 13.08
CA GLU A 232 -16.46 11.59 12.77
C GLU A 232 -15.11 11.25 13.43
N ASP A 233 -14.29 12.25 13.72
CA ASP A 233 -13.01 11.97 14.37
C ASP A 233 -13.28 11.33 15.72
N ILE A 234 -14.42 11.64 16.36
CA ILE A 234 -14.73 11.05 17.65
C ILE A 234 -15.06 9.57 17.45
N THR A 235 -15.90 9.29 16.46
CA THR A 235 -16.27 7.90 16.16
C THR A 235 -15.03 7.11 15.81
N GLU A 236 -14.06 7.78 15.21
CA GLU A 236 -12.82 7.12 14.82
C GLU A 236 -11.92 6.86 16.02
N GLY A 237 -12.01 7.69 17.05
CA GLY A 237 -11.13 7.53 18.23
C GLY A 237 -9.76 8.22 18.09
N LYS A 238 -9.65 9.10 17.10
CA LYS A 238 -8.44 9.85 16.74
C LYS A 238 -7.85 10.73 17.82
N LEU A 239 -6.51 10.71 17.96
CA LEU A 239 -5.82 11.56 18.91
C LEU A 239 -5.61 12.87 18.14
N SER A 240 -6.68 13.65 18.02
CA SER A 240 -6.64 14.88 17.29
C SER A 240 -5.96 15.93 18.16
N PHE A 241 -5.66 17.09 17.58
CA PHE A 241 -5.06 18.14 18.41
C PHE A 241 -5.90 18.54 19.71
N PRO A 242 -7.22 18.79 19.56
CA PRO A 242 -8.00 19.15 20.77
C PRO A 242 -8.04 18.01 21.80
N ILE A 243 -8.16 16.78 21.31
CA ILE A 243 -8.20 15.62 22.17
C ILE A 243 -6.87 15.46 22.91
N VAL A 244 -5.76 15.67 22.20
CA VAL A 244 -4.43 15.57 22.78
C VAL A 244 -4.28 16.62 23.87
N HIS A 245 -4.78 17.83 23.62
CA HIS A 245 -4.69 18.86 24.65
C HIS A 245 -5.53 18.44 25.89
N ALA A 246 -6.77 18.02 25.66
CA ALA A 246 -7.67 17.60 26.73
C ALA A 246 -7.08 16.45 27.57
N LEU A 247 -6.51 15.44 26.92
CA LEU A 247 -5.96 14.36 27.70
C LEU A 247 -4.74 14.80 28.50
N ASN A 248 -3.90 15.67 27.96
CA ASN A 248 -2.75 16.09 28.74
C ASN A 248 -3.18 17.07 29.84
N PHE A 249 -4.07 18.01 29.50
CA PHE A 249 -4.59 18.96 30.46
C PHE A 249 -5.20 18.21 31.67
N THR A 250 -6.07 17.22 31.42
CA THR A 250 -6.73 16.49 32.51
C THR A 250 -5.76 15.78 33.43
N LYS A 251 -4.77 15.08 32.86
CA LYS A 251 -3.74 14.38 33.63
C LYS A 251 -3.04 15.41 34.54
N THR A 252 -2.60 16.49 33.90
CA THR A 252 -1.91 17.60 34.53
C THR A 252 -2.69 18.30 35.64
N LYS A 253 -4.00 18.48 35.44
CA LYS A 253 -4.83 19.15 36.42
C LYS A 253 -5.45 18.23 37.45
N GLY A 254 -5.15 16.93 37.35
CA GLY A 254 -5.70 15.98 38.28
C GLY A 254 -7.15 15.60 38.05
N GLN A 255 -7.69 15.90 36.86
CA GLN A 255 -9.07 15.55 36.52
C GLN A 255 -9.18 14.11 36.09
N THR A 256 -8.90 13.23 37.04
CA THR A 256 -8.93 11.81 36.82
C THR A 256 -10.19 11.27 36.14
N GLU A 257 -11.33 11.56 36.71
CA GLU A 257 -12.59 11.08 36.15
C GLU A 257 -12.79 11.59 34.70
N GLN A 258 -12.50 12.86 34.45
CA GLN A 258 -12.65 13.44 33.12
C GLN A 258 -11.69 12.78 32.11
N HIS A 259 -10.46 12.52 32.57
CA HIS A 259 -9.41 11.94 31.74
C HIS A 259 -9.87 10.57 31.31
N ASN A 260 -10.41 9.83 32.27
CA ASN A 260 -10.87 8.50 31.96
C ASN A 260 -12.12 8.48 31.09
N GLU A 261 -12.99 9.46 31.27
CA GLU A 261 -14.20 9.51 30.50
C GLU A 261 -13.86 9.87 29.04
N ILE A 262 -12.83 10.66 28.83
CA ILE A 262 -12.44 11.04 27.47
C ILE A 262 -11.96 9.77 26.78
N LEU A 263 -11.13 9.02 27.49
CA LEU A 263 -10.61 7.77 26.96
C LEU A 263 -11.76 6.82 26.67
N ARG A 264 -12.67 6.69 27.64
CA ARG A 264 -13.81 5.79 27.44
C ARG A 264 -14.59 6.13 26.17
N ILE A 265 -14.93 7.41 25.98
CA ILE A 265 -15.74 7.76 24.80
C ILE A 265 -14.97 7.46 23.53
N LEU A 266 -13.70 7.86 23.48
CA LEU A 266 -12.88 7.53 22.32
C LEU A 266 -12.91 6.03 22.00
N LEU A 267 -12.80 5.21 23.03
CA LEU A 267 -12.77 3.76 22.79
C LEU A 267 -14.10 3.11 22.44
N LEU A 268 -15.21 3.81 22.62
CA LEU A 268 -16.52 3.24 22.20
C LEU A 268 -16.68 3.16 20.64
N ARG A 269 -15.97 4.05 19.93
CA ARG A 269 -16.07 4.17 18.48
C ARG A 269 -17.56 4.38 18.24
N THR A 270 -18.13 5.35 18.93
CA THR A 270 -19.54 5.58 18.83
C THR A 270 -20.06 6.57 17.76
N SER A 271 -21.27 6.30 17.28
CA SER A 271 -21.90 7.18 16.32
C SER A 271 -23.05 7.88 17.02
N ASP A 272 -23.16 7.74 18.34
CA ASP A 272 -24.25 8.39 19.05
C ASP A 272 -23.93 9.90 19.13
N LYS A 273 -24.81 10.72 18.57
CA LYS A 273 -24.55 12.16 18.54
C LYS A 273 -24.56 12.83 19.89
N ASP A 274 -25.32 12.31 20.83
CA ASP A 274 -25.35 12.91 22.15
C ASP A 274 -24.05 12.62 22.89
N ILE A 275 -23.57 11.40 22.74
CA ILE A 275 -22.29 11.04 23.38
C ILE A 275 -21.18 11.85 22.70
N LYS A 276 -21.24 12.01 21.38
CA LYS A 276 -20.19 12.82 20.73
C LYS A 276 -20.29 14.23 21.24
N LEU A 277 -21.51 14.72 21.34
CA LEU A 277 -21.76 16.08 21.83
C LEU A 277 -21.32 16.31 23.31
N LYS A 278 -21.44 15.30 24.16
CA LYS A 278 -21.00 15.42 25.55
C LYS A 278 -19.49 15.67 25.58
N LEU A 279 -18.78 14.86 24.79
CA LEU A 279 -17.30 14.94 24.71
C LEU A 279 -16.84 16.32 24.22
N ILE A 280 -17.49 16.80 23.16
CA ILE A 280 -17.17 18.14 22.61
C ILE A 280 -17.40 19.17 23.71
N GLN A 281 -18.49 19.06 24.45
CA GLN A 281 -18.73 20.07 25.50
C GLN A 281 -17.75 19.91 26.67
N ILE A 282 -17.20 18.70 26.83
CA ILE A 282 -16.18 18.52 27.85
C ILE A 282 -14.98 19.38 27.34
N LEU A 283 -14.65 19.26 26.06
CA LEU A 283 -13.54 20.04 25.51
C LEU A 283 -13.86 21.54 25.52
N GLU A 284 -15.14 21.88 25.36
CA GLU A 284 -15.51 23.26 25.35
C GLU A 284 -15.40 23.95 26.70
N PHE A 285 -16.07 23.39 27.73
CA PHE A 285 -16.08 24.01 29.07
C PHE A 285 -15.16 23.45 30.17
N ASP A 286 -14.77 22.20 30.06
CA ASP A 286 -13.97 21.60 31.12
C ASP A 286 -12.47 21.68 30.91
N THR A 287 -12.01 21.39 29.70
CA THR A 287 -10.58 21.45 29.46
C THR A 287 -10.26 22.71 28.64
N ASN A 288 -11.30 23.33 28.06
CA ASN A 288 -11.15 24.53 27.23
C ASN A 288 -10.22 24.23 26.05
N SER A 289 -10.29 23.00 25.56
CA SER A 289 -9.44 22.57 24.46
C SER A 289 -9.80 23.22 23.14
N LEU A 290 -11.09 23.51 22.91
CA LEU A 290 -11.45 24.14 21.63
C LEU A 290 -10.85 25.53 21.54
N ALA A 291 -11.00 26.33 22.58
CA ALA A 291 -10.45 27.66 22.53
C ALA A 291 -8.91 27.59 22.44
N TYR A 292 -8.29 26.65 23.16
CA TYR A 292 -6.85 26.54 23.11
C TYR A 292 -6.37 26.32 21.68
N THR A 293 -7.09 25.44 21.00
CA THR A 293 -6.77 25.08 19.63
C THR A 293 -6.98 26.24 18.66
N LYS A 294 -8.06 26.97 18.86
CA LYS A 294 -8.38 28.08 17.97
C LYS A 294 -7.27 29.09 18.07
N ASN A 295 -6.90 29.40 19.30
CA ASN A 295 -5.86 30.34 19.57
C ASN A 295 -4.52 29.85 19.05
N PHE A 296 -4.27 28.54 19.16
CA PHE A 296 -3.01 27.95 18.70
C PHE A 296 -2.96 28.11 17.15
N ILE A 297 -4.08 27.91 16.49
CA ILE A 297 -4.12 28.06 15.07
C ILE A 297 -3.72 29.50 14.70
N ASN A 298 -4.36 30.46 15.36
CA ASN A 298 -4.12 31.89 15.15
C ASN A 298 -2.65 32.23 15.32
N GLN A 299 -2.08 31.78 16.43
CA GLN A 299 -0.68 31.99 16.73
C GLN A 299 0.24 31.45 15.62
N LEU A 300 -0.16 30.36 14.96
CA LEU A 300 0.66 29.80 13.89
C LEU A 300 0.45 30.66 12.66
N VAL A 301 -0.80 30.98 12.39
CA VAL A 301 -1.12 31.82 11.28
C VAL A 301 -0.45 33.19 11.50
N ASN A 302 -0.33 33.62 12.77
CA ASN A 302 0.32 34.91 13.09
C ASN A 302 1.82 34.86 12.87
N MET A 303 2.41 33.68 12.82
CA MET A 303 3.84 33.58 12.60
C MET A 303 4.16 33.89 11.14
N ILE A 304 3.17 33.69 10.28
CA ILE A 304 3.32 33.95 8.86
C ILE A 304 2.92 35.39 8.55
N LYS A 305 1.69 35.77 8.93
CA LYS A 305 1.19 37.12 8.68
C LYS A 305 2.10 38.22 9.21
N ASN A 306 2.69 37.98 10.39
CA ASN A 306 3.60 38.95 10.98
C ASN A 306 5.04 38.64 10.51
N ASP A 307 5.17 38.30 9.23
CA ASP A 307 6.45 37.98 8.64
C ASP A 307 6.82 39.04 7.58
N ASN A 308 7.37 40.15 8.05
CA ASN A 308 7.79 41.25 7.17
C ASN A 308 9.21 41.03 6.72
N GLU A 309 10.01 40.40 7.60
CA GLU A 309 11.40 40.09 7.32
C GLU A 309 11.48 38.87 6.40
N ASN A 310 10.30 38.42 5.94
CA ASN A 310 10.18 37.25 5.07
C ASN A 310 11.13 36.10 5.42
N LYS A 311 11.15 35.66 6.68
CA LYS A 311 12.01 34.55 7.10
C LYS A 311 11.36 33.19 6.83
N TYR A 312 10.08 33.21 6.46
CA TYR A 312 9.31 32.00 6.17
C TYR A 312 8.82 32.11 4.75
N LEU A 313 8.18 33.24 4.46
CA LEU A 313 7.65 33.53 3.14
C LEU A 313 8.82 33.86 2.21
N PRO A 314 8.65 33.66 0.91
CA PRO A 314 9.72 33.96 -0.04
C PRO A 314 10.27 35.39 0.06
N LYS B 5 7.38 31.59 24.05
CA LYS B 5 8.23 30.38 23.90
C LYS B 5 7.63 29.45 22.84
N MET B 6 6.31 29.58 22.66
CA MET B 6 5.57 28.77 21.70
C MET B 6 6.15 28.92 20.29
N GLU B 7 6.30 30.16 19.84
CA GLU B 7 6.84 30.44 18.52
C GLU B 7 8.23 29.82 18.36
N ALA B 8 9.01 29.85 19.42
CA ALA B 8 10.33 29.30 19.35
C ALA B 8 10.31 27.81 19.04
N LYS B 9 9.47 27.05 19.75
CA LYS B 9 9.42 25.61 19.49
C LYS B 9 8.92 25.28 18.08
N ILE B 10 7.93 26.03 17.59
CA ILE B 10 7.45 25.81 16.25
C ILE B 10 8.62 26.07 15.28
N ASP B 11 9.32 27.19 15.45
CA ASP B 11 10.49 27.52 14.61
C ASP B 11 11.50 26.38 14.57
N GLU B 12 11.90 25.88 15.74
CA GLU B 12 12.87 24.80 15.78
C GLU B 12 12.38 23.63 14.91
N LEU B 13 11.13 23.25 15.14
CA LEU B 13 10.46 22.14 14.44
C LEU B 13 10.37 22.19 12.92
N ILE B 14 9.81 23.27 12.38
CA ILE B 14 9.66 23.43 10.93
C ILE B 14 11.01 23.57 10.18
N ASN B 15 12.07 23.90 10.91
CA ASN B 15 13.40 24.07 10.31
C ASN B 15 14.24 22.80 10.34
N ASN B 16 13.75 21.79 11.03
CA ASN B 16 14.49 20.56 11.06
C ASN B 16 13.76 19.50 10.25
N ASP B 17 14.48 18.45 9.91
CA ASP B 17 13.85 17.38 9.19
C ASP B 17 12.79 16.82 10.16
N PRO B 18 11.81 16.06 9.63
CA PRO B 18 10.80 15.53 10.57
C PRO B 18 11.47 14.59 11.57
N VAL B 19 10.97 14.63 12.80
CA VAL B 19 11.50 13.80 13.85
C VAL B 19 11.00 12.36 13.76
N TRP B 20 11.93 11.42 13.89
CA TRP B 20 11.62 10.00 13.89
C TRP B 20 12.66 9.22 14.74
N SER B 21 12.20 8.55 15.78
CA SER B 21 13.11 7.81 16.63
C SER B 21 13.11 6.33 16.40
N SER B 22 14.10 5.69 17.03
CA SER B 22 14.30 4.26 17.00
C SER B 22 13.09 3.53 17.64
N GLN B 23 12.56 4.13 18.70
CA GLN B 23 11.41 3.58 19.38
C GLN B 23 10.20 3.59 18.39
N ASN B 24 9.97 4.73 17.72
CA ASN B 24 8.87 4.87 16.75
C ASN B 24 9.04 3.83 15.65
N GLU B 25 10.26 3.69 15.13
CA GLU B 25 10.54 2.71 14.11
C GLU B 25 10.05 1.36 14.63
N SER B 26 10.24 1.12 15.93
CA SER B 26 9.82 -0.15 16.47
C SER B 26 8.35 -0.33 16.45
N LEU B 27 7.62 0.71 16.83
CA LEU B 27 6.16 0.63 16.87
C LEU B 27 5.59 0.28 15.53
N ILE B 28 6.06 0.95 14.50
CA ILE B 28 5.55 0.71 13.17
C ILE B 28 5.99 -0.62 12.58
N SER B 29 7.09 -1.18 13.07
CA SER B 29 7.57 -2.44 12.54
C SER B 29 6.88 -3.66 13.11
N LYS B 30 6.14 -3.50 14.19
CA LYS B 30 5.52 -4.69 14.79
C LYS B 30 4.77 -5.67 13.84
N PRO B 31 3.89 -5.16 12.93
CA PRO B 31 3.21 -6.14 12.06
C PRO B 31 4.18 -6.91 11.15
N TYR B 32 5.26 -6.24 10.75
CA TYR B 32 6.25 -6.85 9.87
C TYR B 32 7.08 -7.88 10.63
N ASN B 33 7.57 -7.49 11.80
CA ASN B 33 8.38 -8.41 12.60
C ASN B 33 7.59 -9.66 12.93
N HIS B 34 6.29 -9.48 13.15
CA HIS B 34 5.51 -10.63 13.47
C HIS B 34 5.53 -11.67 12.33
N ILE B 35 5.54 -11.26 11.07
CA ILE B 35 5.53 -12.26 10.00
C ILE B 35 6.92 -12.86 9.76
N LEU B 36 7.97 -12.12 10.15
CA LEU B 36 9.36 -12.56 10.05
C LEU B 36 9.60 -13.87 10.83
N LEU B 37 8.83 -14.13 11.89
CA LEU B 37 8.96 -15.41 12.63
C LEU B 37 8.31 -16.50 11.75
N LYS B 38 8.79 -16.66 10.51
CA LYS B 38 8.25 -17.62 9.53
C LYS B 38 9.37 -18.21 8.63
N ARG B 44 13.65 -19.15 -0.95
CA ARG B 44 13.56 -17.94 -1.85
C ARG B 44 14.93 -17.27 -1.90
N LEU B 45 15.61 -17.24 -0.76
CA LEU B 45 16.95 -16.67 -0.65
C LEU B 45 17.83 -17.68 -1.37
N ASN B 46 17.56 -18.94 -1.11
CA ASN B 46 18.28 -20.04 -1.71
C ASN B 46 18.34 -19.89 -3.22
N LEU B 47 17.23 -19.44 -3.82
CA LEU B 47 17.19 -19.28 -5.25
C LEU B 47 18.15 -18.19 -5.70
N ILE B 48 18.22 -17.12 -4.93
CA ILE B 48 19.13 -16.02 -5.28
C ILE B 48 20.56 -16.52 -5.23
N VAL B 49 20.89 -17.24 -4.15
CA VAL B 49 22.19 -17.82 -3.95
C VAL B 49 22.52 -18.56 -5.22
N GLN B 50 21.79 -19.64 -5.44
CA GLN B 50 21.97 -20.46 -6.62
C GLN B 50 22.11 -19.67 -7.92
N ILE B 51 21.15 -18.82 -8.27
CA ILE B 51 21.28 -18.03 -9.52
C ILE B 51 22.56 -17.16 -9.52
N ASN B 52 23.11 -16.86 -8.36
CA ASN B 52 24.31 -16.01 -8.36
C ASN B 52 25.56 -16.73 -8.90
N ARG B 53 25.54 -18.07 -8.87
CA ARG B 53 26.64 -18.87 -9.39
C ARG B 53 26.86 -18.50 -10.86
N VAL B 54 25.94 -17.72 -11.42
CA VAL B 54 26.07 -17.28 -12.80
C VAL B 54 26.13 -15.77 -12.91
N MET B 55 25.51 -15.07 -11.96
CA MET B 55 25.54 -13.62 -12.01
C MET B 55 26.77 -13.11 -11.27
N ASN B 56 27.17 -13.86 -10.25
CA ASN B 56 28.34 -13.58 -9.41
C ASN B 56 28.38 -12.15 -8.91
N LEU B 57 27.26 -11.66 -8.40
CA LEU B 57 27.29 -10.31 -7.85
C LEU B 57 28.14 -10.44 -6.61
N PRO B 58 28.80 -9.34 -6.20
CA PRO B 58 29.62 -9.39 -4.98
C PRO B 58 28.70 -9.57 -3.76
N LYS B 59 29.18 -10.28 -2.75
CA LYS B 59 28.37 -10.56 -1.56
C LYS B 59 27.59 -9.45 -0.83
N ASP B 60 28.17 -8.27 -0.67
CA ASP B 60 27.43 -7.21 0.02
C ASP B 60 26.29 -6.68 -0.85
N GLN B 61 26.47 -6.79 -2.17
CA GLN B 61 25.46 -6.33 -3.11
C GLN B 61 24.36 -7.39 -3.25
N LEU B 62 24.76 -8.65 -3.13
CA LEU B 62 23.84 -9.77 -3.21
C LEU B 62 22.95 -9.74 -1.97
N ALA B 63 23.52 -9.30 -0.85
CA ALA B 63 22.80 -9.21 0.43
C ALA B 63 21.68 -8.17 0.36
N ILE B 64 21.98 -7.01 -0.20
CA ILE B 64 20.99 -5.98 -0.33
C ILE B 64 19.87 -6.49 -1.24
N VAL B 65 20.20 -7.18 -2.33
CA VAL B 65 19.19 -7.71 -3.24
C VAL B 65 18.29 -8.65 -2.43
N SER B 66 18.92 -9.52 -1.67
CA SER B 66 18.20 -10.46 -0.83
C SER B 66 17.29 -9.76 0.19
N GLN B 67 17.75 -8.65 0.76
CA GLN B 67 17.00 -7.88 1.73
C GLN B 67 15.80 -7.21 1.08
N ILE B 68 16.00 -6.77 -0.16
CA ILE B 68 14.94 -6.14 -0.90
C ILE B 68 13.83 -7.14 -1.28
N VAL B 69 14.25 -8.36 -1.63
CA VAL B 69 13.29 -9.37 -2.01
C VAL B 69 12.59 -9.83 -0.77
N GLU B 70 13.30 -9.86 0.36
CA GLU B 70 12.66 -10.28 1.59
C GLU B 70 11.60 -9.27 2.07
N LEU B 71 11.84 -7.96 1.90
CA LEU B 71 10.87 -6.93 2.32
C LEU B 71 9.60 -6.97 1.49
N LEU B 72 9.76 -6.95 0.16
CA LEU B 72 8.65 -7.01 -0.77
C LEU B 72 7.82 -8.25 -0.58
N HIS B 73 8.50 -9.40 -0.44
CA HIS B 73 7.76 -10.63 -0.28
C HIS B 73 6.96 -10.67 0.99
N ASN B 74 7.59 -10.41 2.13
CA ASN B 74 6.86 -10.48 3.40
C ASN B 74 5.75 -9.41 3.48
N SER B 75 6.03 -8.22 3.01
CA SER B 75 5.05 -7.14 2.96
C SER B 75 3.86 -7.52 2.05
N SER B 76 4.13 -8.16 0.92
CA SER B 76 3.05 -8.53 -0.01
C SER B 76 2.14 -9.55 0.67
N LEU B 77 2.69 -10.43 1.49
CA LEU B 77 1.86 -11.42 2.18
C LEU B 77 0.99 -10.76 3.26
N LEU B 78 1.56 -9.76 3.96
CA LEU B 78 0.80 -9.00 4.98
C LEU B 78 -0.45 -8.44 4.29
N ILE B 79 -0.26 -7.78 3.15
CA ILE B 79 -1.38 -7.19 2.39
C ILE B 79 -2.32 -8.27 1.80
N ASP B 80 -1.73 -9.30 1.22
CA ASP B 80 -2.52 -10.36 0.66
C ASP B 80 -3.42 -11.02 1.66
N ASP B 81 -2.93 -11.24 2.88
CA ASP B 81 -3.80 -11.86 3.87
C ASP B 81 -4.97 -10.95 4.28
N ILE B 82 -4.76 -9.63 4.29
CA ILE B 82 -5.86 -8.72 4.58
C ILE B 82 -6.83 -8.85 3.35
N GLU B 83 -6.28 -8.85 2.14
CA GLU B 83 -7.14 -8.88 0.96
C GLU B 83 -7.92 -10.18 0.79
N ASP B 84 -7.38 -11.24 1.38
CA ASP B 84 -7.98 -12.55 1.27
C ASP B 84 -8.70 -12.99 2.55
N ASN B 85 -8.79 -12.10 3.52
CA ASN B 85 -9.43 -12.43 4.80
C ASN B 85 -8.84 -13.74 5.39
N ALA B 86 -7.52 -13.89 5.35
CA ALA B 86 -6.89 -15.11 5.82
C ALA B 86 -6.66 -15.10 7.32
N PRO B 87 -7.06 -16.19 7.98
CA PRO B 87 -6.87 -16.27 9.43
C PRO B 87 -5.46 -16.76 9.79
N LEU B 88 -4.80 -17.45 8.87
CA LEU B 88 -3.49 -18.05 9.14
C LEU B 88 -2.51 -17.91 8.01
N ARG B 89 -1.22 -17.84 8.37
CA ARG B 89 -0.16 -17.76 7.39
C ARG B 89 1.04 -18.48 8.05
N ARG B 90 1.53 -19.53 7.38
CA ARG B 90 2.63 -20.31 7.91
C ARG B 90 2.36 -20.79 9.35
N GLY B 91 1.18 -21.38 9.56
CA GLY B 91 0.82 -21.87 10.87
C GLY B 91 0.44 -20.89 11.97
N GLN B 92 0.73 -19.60 11.84
CA GLN B 92 0.37 -18.64 12.89
C GLN B 92 -0.72 -17.65 12.51
N THR B 93 -1.25 -17.00 13.53
CA THR B 93 -2.27 -15.98 13.35
C THR B 93 -1.74 -14.84 12.44
N THR B 94 -2.51 -14.47 11.42
CA THR B 94 -2.05 -13.40 10.52
C THR B 94 -1.87 -12.09 11.27
N SER B 95 -0.95 -11.25 10.84
CA SER B 95 -0.73 -9.99 11.56
C SER B 95 -1.93 -9.07 11.71
N HIS B 96 -2.77 -8.98 10.67
CA HIS B 96 -3.90 -8.04 10.78
C HIS B 96 -4.83 -8.46 11.89
N LEU B 97 -4.91 -9.76 12.19
CA LEU B 97 -5.79 -10.14 13.27
C LEU B 97 -5.20 -9.78 14.66
N ILE B 98 -3.89 -9.47 14.71
CA ILE B 98 -3.26 -9.09 15.98
C ILE B 98 -3.05 -7.59 16.11
N PHE B 99 -2.52 -6.95 15.08
CA PHE B 99 -2.30 -5.50 15.16
C PHE B 99 -3.39 -4.67 14.50
N GLY B 100 -4.39 -5.32 13.91
CA GLY B 100 -5.46 -4.60 13.25
C GLY B 100 -5.13 -4.41 11.77
N VAL B 101 -6.17 -4.27 10.93
CA VAL B 101 -5.97 -4.06 9.53
C VAL B 101 -5.28 -2.71 9.28
N PRO B 102 -5.68 -1.63 10.01
CA PRO B 102 -5.05 -0.31 9.82
C PRO B 102 -3.51 -0.28 9.88
N SER B 103 -2.92 -0.72 10.99
CA SER B 103 -1.44 -0.72 11.14
C SER B 103 -0.74 -1.64 10.16
N THR B 104 -1.32 -2.81 9.91
CA THR B 104 -0.73 -3.81 8.98
C THR B 104 -0.67 -3.21 7.56
N ILE B 105 -1.73 -2.56 7.10
CA ILE B 105 -1.67 -1.99 5.77
C ILE B 105 -0.56 -0.96 5.70
N ASN B 106 -0.54 -0.09 6.70
CA ASN B 106 0.45 0.97 6.70
C ASN B 106 1.88 0.46 6.82
N THR B 107 2.09 -0.53 7.69
CA THR B 107 3.42 -1.08 7.88
C THR B 107 3.90 -1.75 6.60
N ALA B 108 3.05 -2.55 5.98
CA ALA B 108 3.38 -3.27 4.76
C ALA B 108 3.77 -2.26 3.67
N ASN B 109 2.92 -1.26 3.47
CA ASN B 109 3.18 -0.25 2.47
C ASN B 109 4.50 0.50 2.85
N TYR B 110 4.71 0.79 4.12
CA TYR B 110 5.95 1.47 4.50
C TYR B 110 7.16 0.65 4.06
N MET B 111 7.09 -0.67 4.26
CA MET B 111 8.17 -1.56 3.88
C MET B 111 8.41 -1.60 2.37
N TYR B 112 7.38 -1.29 1.57
CA TYR B 112 7.56 -1.26 0.10
C TYR B 112 8.53 -0.12 -0.20
N PHE B 113 8.32 1.02 0.43
CA PHE B 113 9.19 2.15 0.20
C PHE B 113 10.58 1.98 0.85
N ARG B 114 10.69 1.19 1.92
CA ARG B 114 12.01 0.94 2.51
C ARG B 114 12.78 0.05 1.56
N ALA B 115 12.08 -0.93 0.98
CA ALA B 115 12.70 -1.79 0.00
C ALA B 115 13.19 -0.88 -1.17
N MET B 116 12.36 0.09 -1.59
CA MET B 116 12.73 0.99 -2.67
C MET B 116 14.05 1.74 -2.37
N GLN B 117 14.14 2.27 -1.16
CA GLN B 117 15.32 2.98 -0.70
C GLN B 117 16.59 2.12 -0.81
N LEU B 118 16.49 0.83 -0.46
CA LEU B 118 17.61 -0.12 -0.58
C LEU B 118 18.09 -0.21 -2.06
N VAL B 119 17.16 -0.02 -3.00
CA VAL B 119 17.50 -0.08 -4.40
C VAL B 119 18.55 0.97 -4.76
N SER B 120 18.38 2.20 -4.26
CA SER B 120 19.35 3.27 -4.52
C SER B 120 20.70 2.98 -3.88
N GLN B 121 20.80 1.93 -3.08
CA GLN B 121 22.09 1.56 -2.47
C GLN B 121 22.76 0.35 -3.15
N LEU B 122 22.29 -0.01 -4.34
CA LEU B 122 22.90 -1.14 -5.05
C LEU B 122 24.05 -0.60 -5.90
N THR B 123 23.93 0.67 -6.31
CA THR B 123 24.92 1.28 -7.18
C THR B 123 24.83 2.80 -7.14
N THR B 124 25.91 3.47 -7.53
CA THR B 124 25.92 4.91 -7.58
C THR B 124 26.02 5.32 -9.04
N LYS B 125 26.28 4.35 -9.92
CA LYS B 125 26.36 4.63 -11.36
C LYS B 125 24.98 5.10 -11.80
N GLU B 126 24.86 6.38 -12.10
CA GLU B 126 23.58 6.96 -12.46
C GLU B 126 22.81 6.30 -13.62
N PRO B 127 23.53 5.77 -14.63
CA PRO B 127 22.81 5.13 -15.73
C PRO B 127 22.11 3.90 -15.16
N LEU B 128 22.92 3.00 -14.62
CA LEU B 128 22.50 1.73 -13.99
C LEU B 128 21.43 1.87 -12.88
N TYR B 129 21.53 2.94 -12.09
CA TYR B 129 20.57 3.16 -11.02
C TYR B 129 19.19 3.36 -11.60
N HIS B 130 19.15 4.06 -12.71
CA HIS B 130 17.89 4.32 -13.37
C HIS B 130 17.24 3.02 -13.77
N ASN B 131 18.04 2.14 -14.34
CA ASN B 131 17.53 0.86 -14.77
C ASN B 131 17.02 0.03 -13.61
N LEU B 132 17.75 0.04 -12.49
CA LEU B 132 17.36 -0.72 -11.30
C LEU B 132 16.01 -0.18 -10.81
N ILE B 133 15.87 1.14 -10.83
CA ILE B 133 14.63 1.74 -10.37
C ILE B 133 13.49 1.42 -11.35
N THR B 134 13.76 1.51 -12.66
CA THR B 134 12.74 1.20 -13.67
C THR B 134 12.27 -0.25 -13.50
N ILE B 135 13.22 -1.17 -13.28
CA ILE B 135 12.89 -2.58 -13.10
C ILE B 135 11.97 -2.77 -11.89
N PHE B 136 12.40 -2.19 -10.76
CA PHE B 136 11.65 -2.23 -9.49
C PHE B 136 10.20 -1.70 -9.73
N ASN B 137 10.14 -0.51 -10.31
CA ASN B 137 8.87 0.15 -10.59
C ASN B 137 7.99 -0.72 -11.53
N GLU B 138 8.55 -1.15 -12.67
CA GLU B 138 7.80 -1.98 -13.61
C GLU B 138 7.23 -3.24 -13.01
N GLU B 139 8.02 -3.96 -12.22
CA GLU B 139 7.50 -5.21 -11.65
C GLU B 139 6.54 -4.99 -10.49
N LEU B 140 6.64 -3.86 -9.80
CA LEU B 140 5.68 -3.60 -8.75
C LEU B 140 4.35 -3.32 -9.42
N ILE B 141 4.40 -2.56 -10.52
CA ILE B 141 3.19 -2.31 -11.29
C ILE B 141 2.56 -3.66 -11.76
N ASN B 142 3.38 -4.54 -12.34
CA ASN B 142 2.87 -5.83 -12.78
C ASN B 142 2.27 -6.63 -11.65
N LEU B 143 2.90 -6.59 -10.48
CA LEU B 143 2.41 -7.33 -9.33
C LEU B 143 0.99 -6.92 -8.92
N HIS B 144 0.77 -5.63 -8.83
CA HIS B 144 -0.53 -5.07 -8.48
C HIS B 144 -1.60 -5.31 -9.55
N ARG B 145 -1.21 -5.32 -10.81
CA ARG B 145 -2.13 -5.61 -11.90
C ARG B 145 -2.61 -7.06 -11.77
N GLY B 146 -1.67 -7.97 -11.54
CA GLY B 146 -2.01 -9.37 -11.39
C GLY B 146 -2.88 -9.57 -10.15
N GLN B 147 -2.40 -9.06 -9.02
CA GLN B 147 -3.13 -9.14 -7.76
C GLN B 147 -4.53 -8.48 -7.92
N GLY B 148 -4.61 -7.34 -8.62
CA GLY B 148 -5.93 -6.72 -8.78
C GLY B 148 -6.97 -7.55 -9.53
N LEU B 149 -6.51 -8.26 -10.54
CA LEU B 149 -7.34 -9.12 -11.36
C LEU B 149 -7.77 -10.33 -10.55
N ASP B 150 -6.83 -10.90 -9.78
CA ASP B 150 -7.13 -12.06 -8.95
C ASP B 150 -8.26 -11.66 -7.98
N ILE B 151 -8.11 -10.47 -7.41
CA ILE B 151 -9.11 -9.97 -6.47
C ILE B 151 -10.42 -9.61 -7.16
N TYR B 152 -10.31 -8.99 -8.32
CA TYR B 152 -11.49 -8.56 -9.02
C TYR B 152 -12.37 -9.78 -9.37
N TRP B 153 -11.78 -10.79 -9.99
CA TRP B 153 -12.55 -11.97 -10.37
C TRP B 153 -13.22 -12.57 -9.16
N ARG B 154 -12.46 -12.66 -8.08
CA ARG B 154 -13.04 -13.23 -6.87
C ARG B 154 -14.19 -12.39 -6.34
N ASP B 155 -14.00 -11.09 -6.18
CA ASP B 155 -15.08 -10.27 -5.63
C ASP B 155 -16.29 -9.89 -6.53
N PHE B 156 -16.15 -10.08 -7.84
CA PHE B 156 -17.21 -9.81 -8.77
C PHE B 156 -17.87 -11.10 -9.21
N LEU B 157 -17.31 -12.26 -8.81
CA LEU B 157 -17.94 -13.55 -9.17
C LEU B 157 -19.43 -13.51 -8.78
N PRO B 158 -20.32 -14.04 -9.64
CA PRO B 158 -20.04 -14.66 -10.94
C PRO B 158 -20.08 -13.73 -12.17
N GLU B 159 -19.69 -12.47 -12.01
CA GLU B 159 -19.72 -11.63 -13.19
C GLU B 159 -18.75 -12.15 -14.29
N ILE B 160 -17.53 -12.49 -13.93
CA ILE B 160 -16.56 -12.98 -14.95
C ILE B 160 -15.93 -14.28 -14.52
N ILE B 161 -15.98 -15.30 -15.38
CA ILE B 161 -15.35 -16.56 -15.03
C ILE B 161 -14.14 -16.63 -15.94
N PRO B 162 -12.94 -16.57 -15.36
CA PRO B 162 -11.78 -16.62 -16.24
C PRO B 162 -11.51 -17.96 -16.96
N THR B 163 -10.85 -17.85 -18.11
CA THR B 163 -10.40 -19.00 -18.88
C THR B 163 -9.00 -19.28 -18.34
N GLN B 164 -8.46 -20.42 -18.76
CA GLN B 164 -7.14 -20.88 -18.37
C GLN B 164 -6.10 -19.86 -18.84
N GLU B 165 -6.33 -19.30 -20.02
CA GLU B 165 -5.40 -18.33 -20.54
C GLU B 165 -5.45 -17.05 -19.74
N MET B 166 -6.65 -16.59 -19.35
CA MET B 166 -6.72 -15.35 -18.59
C MET B 166 -6.02 -15.60 -17.28
N TYR B 167 -6.25 -16.78 -16.70
CA TYR B 167 -5.60 -17.15 -15.46
C TYR B 167 -4.05 -17.14 -15.59
N LEU B 168 -3.52 -17.74 -16.64
CA LEU B 168 -2.07 -17.77 -16.81
C LEU B 168 -1.49 -16.36 -16.93
N ASN B 169 -2.15 -15.46 -17.66
CA ASN B 169 -1.67 -14.08 -17.76
C ASN B 169 -1.75 -13.42 -16.38
N MET B 170 -2.80 -13.71 -15.63
CA MET B 170 -2.90 -13.11 -14.30
C MET B 170 -1.70 -13.55 -13.45
N VAL B 171 -1.41 -14.85 -13.49
CA VAL B 171 -0.30 -15.42 -12.73
C VAL B 171 1.10 -14.84 -13.15
N MET B 172 1.28 -14.53 -14.44
CA MET B 172 2.54 -13.99 -14.96
C MET B 172 2.78 -12.65 -14.31
N ASN B 173 1.69 -11.93 -14.05
CA ASN B 173 1.81 -10.64 -13.38
C ASN B 173 2.04 -10.87 -11.88
N LYS B 174 1.03 -11.42 -11.20
CA LYS B 174 1.08 -11.66 -9.76
C LYS B 174 2.22 -12.50 -9.15
N THR B 175 2.56 -13.63 -9.76
CA THR B 175 3.62 -14.49 -9.20
C THR B 175 4.98 -14.30 -9.90
N GLY B 176 4.93 -14.02 -11.20
CA GLY B 176 6.13 -13.76 -11.96
C GLY B 176 6.74 -12.41 -11.61
N GLY B 177 5.91 -11.48 -11.13
CA GLY B 177 6.43 -10.18 -10.75
C GLY B 177 7.69 -10.18 -9.90
N LEU B 178 7.60 -10.74 -8.69
CA LEU B 178 8.71 -10.79 -7.76
C LEU B 178 9.84 -11.71 -8.27
N PHE B 179 9.47 -12.77 -8.99
CA PHE B 179 10.51 -13.65 -9.54
C PHE B 179 11.29 -12.86 -10.58
N ARG B 180 10.57 -12.19 -11.49
CA ARG B 180 11.21 -11.36 -12.50
C ARG B 180 11.99 -10.20 -11.86
N LEU B 181 11.44 -9.60 -10.80
CA LEU B 181 12.13 -8.48 -10.17
C LEU B 181 13.50 -8.88 -9.65
N THR B 182 13.54 -9.97 -8.89
CA THR B 182 14.76 -10.51 -8.31
C THR B 182 15.79 -10.77 -9.41
N LEU B 183 15.33 -11.50 -10.42
CA LEU B 183 16.18 -11.88 -11.54
C LEU B 183 16.67 -10.70 -12.39
N ARG B 184 15.76 -9.80 -12.78
CA ARG B 184 16.16 -8.67 -13.63
C ARG B 184 17.18 -7.77 -12.93
N LEU B 185 17.02 -7.60 -11.62
CA LEU B 185 17.97 -6.82 -10.86
C LEU B 185 19.32 -7.53 -10.98
N MET B 186 19.33 -8.81 -10.64
CA MET B 186 20.56 -9.61 -10.66
C MET B 186 21.30 -9.63 -12.00
N GLU B 187 20.55 -9.63 -13.08
CA GLU B 187 21.15 -9.61 -14.39
C GLU B 187 21.67 -8.23 -14.71
N ALA B 188 21.05 -7.17 -14.21
CA ALA B 188 21.56 -5.84 -14.55
C ALA B 188 22.80 -5.53 -13.72
N LEU B 189 22.93 -6.19 -12.57
CA LEU B 189 24.07 -5.92 -11.71
C LEU B 189 25.28 -6.82 -12.03
N SER B 190 25.01 -8.01 -12.55
CA SER B 190 26.03 -8.99 -12.89
C SER B 190 27.32 -8.39 -13.48
N PRO B 191 28.48 -8.68 -12.85
CA PRO B 191 29.70 -8.13 -13.43
C PRO B 191 30.19 -8.94 -14.63
N SER B 192 29.66 -10.16 -14.80
CA SER B 192 30.05 -11.07 -15.89
C SER B 192 29.53 -10.67 -17.28
N HIS B 197 22.08 -16.47 -22.33
CA HIS B 197 20.66 -16.10 -22.60
C HIS B 197 19.97 -15.71 -21.30
N SER B 198 19.28 -14.57 -21.30
CA SER B 198 18.58 -14.10 -20.11
C SER B 198 17.75 -15.23 -19.55
N LEU B 199 17.61 -15.27 -18.23
CA LEU B 199 16.83 -16.32 -17.61
C LEU B 199 15.37 -15.95 -17.25
N VAL B 200 14.88 -14.81 -17.72
CA VAL B 200 13.50 -14.40 -17.41
C VAL B 200 12.45 -15.46 -17.82
N PRO B 201 12.56 -16.02 -19.05
CA PRO B 201 11.62 -17.04 -19.51
C PRO B 201 11.56 -18.20 -18.50
N PHE B 202 12.73 -18.62 -18.03
CA PHE B 202 12.79 -19.71 -17.07
C PHE B 202 12.12 -19.33 -15.73
N ILE B 203 12.34 -18.09 -15.30
CA ILE B 203 11.80 -17.64 -14.04
C ILE B 203 10.28 -17.40 -14.18
N ASN B 204 9.80 -16.99 -15.37
CA ASN B 204 8.36 -16.81 -15.63
C ASN B 204 7.67 -18.18 -15.46
N LEU B 205 8.22 -19.18 -16.14
CA LEU B 205 7.71 -20.55 -16.07
C LEU B 205 7.73 -21.06 -14.63
N LEU B 206 8.80 -20.75 -13.90
CA LEU B 206 8.90 -21.19 -12.52
C LEU B 206 7.82 -20.54 -11.64
N GLY B 207 7.50 -19.29 -11.96
CA GLY B 207 6.50 -18.54 -11.22
C GLY B 207 5.14 -19.17 -11.48
N ILE B 208 4.87 -19.50 -12.74
CA ILE B 208 3.60 -20.13 -13.09
C ILE B 208 3.47 -21.47 -12.38
N ILE B 209 4.53 -22.26 -12.42
CA ILE B 209 4.53 -23.58 -11.78
C ILE B 209 4.29 -23.37 -10.31
N TYR B 210 5.02 -22.41 -9.77
CA TYR B 210 4.88 -22.12 -8.35
C TYR B 210 3.42 -21.84 -7.93
N GLN B 211 2.74 -21.01 -8.71
CA GLN B 211 1.37 -20.61 -8.37
C GLN B 211 0.34 -21.74 -8.52
N ILE B 212 0.44 -22.47 -9.61
CA ILE B 212 -0.48 -23.58 -9.85
C ILE B 212 -0.30 -24.62 -8.77
N ARG B 213 0.94 -24.82 -8.35
CA ARG B 213 1.28 -25.79 -7.29
C ARG B 213 0.69 -25.34 -5.94
N ASP B 214 0.81 -24.05 -5.66
CA ASP B 214 0.24 -23.46 -4.46
C ASP B 214 -1.29 -23.74 -4.52
N ASP B 215 -1.94 -23.40 -5.63
CA ASP B 215 -3.40 -23.62 -5.79
C ASP B 215 -3.77 -25.10 -5.62
N TYR B 216 -2.98 -25.98 -6.23
CA TYR B 216 -3.22 -27.43 -6.13
C TYR B 216 -3.06 -27.91 -4.67
N LEU B 217 -1.93 -27.59 -4.04
CA LEU B 217 -1.69 -28.06 -2.68
C LEU B 217 -2.71 -27.63 -1.65
N ASN B 218 -3.25 -26.42 -1.81
CA ASN B 218 -4.26 -25.87 -0.91
C ASN B 218 -5.48 -26.81 -0.78
N LEU B 219 -5.86 -27.45 -1.87
CA LEU B 219 -6.99 -28.39 -1.88
C LEU B 219 -6.59 -29.84 -1.58
N LYS B 220 -5.42 -30.23 -2.10
CA LYS B 220 -4.92 -31.58 -1.98
C LYS B 220 -4.50 -32.02 -0.59
N ASP B 221 -4.03 -31.09 0.24
CA ASP B 221 -3.63 -31.43 1.61
C ASP B 221 -4.85 -31.51 2.52
N PHE B 222 -5.98 -30.95 2.05
CA PHE B 222 -7.23 -30.98 2.80
C PHE B 222 -7.99 -32.27 2.45
N GLN B 223 -8.03 -32.58 1.15
CA GLN B 223 -8.68 -33.78 0.65
C GLN B 223 -7.93 -35.00 1.21
N PHE B 230 -7.07 -27.31 5.48
CA PHE B 230 -7.99 -26.15 5.65
C PHE B 230 -8.76 -25.84 4.35
N ALA B 231 -8.08 -25.94 3.21
CA ALA B 231 -8.68 -25.63 1.92
C ALA B 231 -9.26 -24.19 1.95
N GLU B 232 -8.49 -23.26 2.51
CA GLU B 232 -8.86 -21.84 2.62
C GLU B 232 -9.26 -21.16 1.30
N ASP B 233 -8.68 -21.59 0.19
CA ASP B 233 -9.01 -21.01 -1.09
C ASP B 233 -10.50 -21.08 -1.39
N ILE B 234 -11.17 -22.10 -0.84
CA ILE B 234 -12.59 -22.26 -1.06
C ILE B 234 -13.32 -21.23 -0.20
N THR B 235 -12.95 -21.13 1.07
CA THR B 235 -13.53 -20.16 1.97
C THR B 235 -13.36 -18.75 1.40
N GLU B 236 -12.25 -18.50 0.69
CA GLU B 236 -11.92 -17.20 0.11
C GLU B 236 -12.74 -16.97 -1.19
N GLY B 237 -13.10 -18.08 -1.85
CA GLY B 237 -13.87 -18.04 -3.10
C GLY B 237 -12.95 -17.68 -4.24
N LYS B 238 -11.68 -18.08 -4.12
CA LYS B 238 -10.59 -17.82 -5.07
C LYS B 238 -10.75 -18.51 -6.44
N LEU B 239 -10.46 -17.82 -7.54
CA LEU B 239 -10.55 -18.50 -8.84
C LEU B 239 -9.20 -19.23 -9.06
N SER B 240 -8.97 -20.26 -8.26
CA SER B 240 -7.73 -21.03 -8.36
C SER B 240 -7.71 -21.84 -9.64
N PHE B 241 -6.52 -22.35 -9.99
CA PHE B 241 -6.33 -23.11 -11.22
C PHE B 241 -7.30 -24.31 -11.37
N PRO B 242 -7.52 -25.11 -10.31
CA PRO B 242 -8.46 -26.24 -10.46
C PRO B 242 -9.93 -25.76 -10.58
N ILE B 243 -10.26 -24.69 -9.86
CA ILE B 243 -11.62 -24.12 -9.91
C ILE B 243 -11.86 -23.57 -11.34
N VAL B 244 -10.83 -22.93 -11.89
CA VAL B 244 -10.97 -22.35 -13.24
C VAL B 244 -11.20 -23.48 -14.24
N HIS B 245 -10.50 -24.59 -14.00
CA HIS B 245 -10.67 -25.73 -14.86
C HIS B 245 -12.08 -26.29 -14.71
N ALA B 246 -12.47 -26.61 -13.48
CA ALA B 246 -13.78 -27.15 -13.24
C ALA B 246 -14.92 -26.27 -13.78
N LEU B 247 -14.86 -24.96 -13.54
CA LEU B 247 -15.91 -24.08 -14.02
C LEU B 247 -16.01 -24.11 -15.53
N ASN B 248 -14.86 -24.04 -16.18
CA ASN B 248 -14.83 -24.07 -17.64
C ASN B 248 -15.19 -25.46 -18.22
N PHE B 249 -14.89 -26.52 -17.48
CA PHE B 249 -15.18 -27.89 -17.89
C PHE B 249 -16.67 -28.15 -17.85
N THR B 250 -17.33 -27.69 -16.79
CA THR B 250 -18.76 -27.93 -16.69
C THR B 250 -19.53 -27.06 -17.69
N LYS B 251 -19.06 -25.85 -17.93
CA LYS B 251 -19.71 -24.96 -18.88
C LYS B 251 -19.68 -25.61 -20.27
N THR B 252 -18.50 -26.08 -20.67
CA THR B 252 -18.33 -26.71 -21.98
C THR B 252 -19.13 -28.00 -22.21
N LYS B 253 -19.13 -28.90 -21.24
CA LYS B 253 -19.87 -30.16 -21.29
C LYS B 253 -21.35 -29.88 -20.94
N GLY B 254 -21.71 -28.60 -20.94
CA GLY B 254 -23.08 -28.20 -20.62
C GLY B 254 -23.65 -28.83 -19.37
N GLN B 255 -22.80 -29.02 -18.36
CA GLN B 255 -23.22 -29.57 -17.06
C GLN B 255 -23.66 -28.39 -16.18
N THR B 256 -24.72 -27.72 -16.60
CA THR B 256 -25.21 -26.55 -15.91
C THR B 256 -25.31 -26.63 -14.41
N GLU B 257 -25.94 -27.67 -13.91
CA GLU B 257 -26.14 -27.81 -12.47
C GLU B 257 -24.86 -27.94 -11.63
N GLN B 258 -23.85 -28.60 -12.17
CA GLN B 258 -22.61 -28.75 -11.44
C GLN B 258 -21.90 -27.40 -11.49
N HIS B 259 -22.02 -26.74 -12.64
CA HIS B 259 -21.42 -25.44 -12.85
C HIS B 259 -21.92 -24.49 -11.78
N ASN B 260 -23.23 -24.48 -11.57
CA ASN B 260 -23.86 -23.61 -10.60
C ASN B 260 -23.57 -24.02 -9.18
N GLU B 261 -23.40 -25.31 -8.96
CA GLU B 261 -23.11 -25.79 -7.61
C GLU B 261 -21.71 -25.32 -7.18
N ILE B 262 -20.76 -25.27 -8.10
CA ILE B 262 -19.41 -24.82 -7.80
C ILE B 262 -19.47 -23.33 -7.43
N LEU B 263 -20.23 -22.57 -8.23
CA LEU B 263 -20.38 -21.15 -7.98
C LEU B 263 -21.04 -20.94 -6.62
N ARG B 264 -22.12 -21.67 -6.32
CA ARG B 264 -22.79 -21.52 -5.02
C ARG B 264 -21.88 -21.72 -3.82
N ILE B 265 -21.01 -22.73 -3.90
CA ILE B 265 -20.09 -23.03 -2.80
C ILE B 265 -19.03 -21.95 -2.66
N LEU B 266 -18.47 -21.50 -3.79
CA LEU B 266 -17.46 -20.45 -3.77
C LEU B 266 -18.07 -19.18 -3.15
N LEU B 267 -19.27 -18.83 -3.62
CA LEU B 267 -19.96 -17.65 -3.11
C LEU B 267 -20.38 -17.79 -1.65
N LEU B 268 -20.45 -19.00 -1.10
CA LEU B 268 -20.82 -19.13 0.31
C LEU B 268 -19.74 -18.54 1.24
N ARG B 269 -18.50 -18.45 0.75
CA ARG B 269 -17.37 -17.99 1.59
C ARG B 269 -17.45 -18.87 2.88
N THR B 270 -17.59 -20.17 2.69
CA THR B 270 -17.77 -21.04 3.84
C THR B 270 -16.53 -21.64 4.51
N SER B 271 -16.61 -21.79 5.82
CA SER B 271 -15.55 -22.40 6.61
C SER B 271 -16.04 -23.83 6.94
N ASP B 272 -17.24 -24.16 6.50
CA ASP B 272 -17.84 -25.49 6.76
C ASP B 272 -17.10 -26.61 6.04
N LYS B 273 -16.38 -27.40 6.84
CA LYS B 273 -15.59 -28.52 6.37
C LYS B 273 -16.35 -29.45 5.42
N ASP B 274 -17.60 -29.79 5.76
CA ASP B 274 -18.39 -30.71 4.93
C ASP B 274 -18.70 -30.11 3.57
N ILE B 275 -18.98 -28.82 3.56
CA ILE B 275 -19.27 -28.16 2.30
C ILE B 275 -18.02 -28.07 1.46
N LYS B 276 -16.91 -27.68 2.09
CA LYS B 276 -15.64 -27.61 1.38
C LYS B 276 -15.34 -29.00 0.75
N LEU B 277 -15.57 -30.07 1.51
CA LEU B 277 -15.35 -31.43 0.98
C LEU B 277 -16.26 -31.72 -0.24
N LYS B 278 -17.51 -31.26 -0.18
CA LYS B 278 -18.45 -31.44 -1.28
C LYS B 278 -17.91 -30.85 -2.57
N LEU B 279 -17.34 -29.65 -2.49
CA LEU B 279 -16.78 -29.04 -3.70
C LEU B 279 -15.57 -29.82 -4.23
N ILE B 280 -14.73 -30.31 -3.32
CA ILE B 280 -13.54 -31.07 -3.78
C ILE B 280 -13.99 -32.38 -4.46
N GLN B 281 -15.05 -33.00 -3.95
CA GLN B 281 -15.51 -34.24 -4.58
C GLN B 281 -16.07 -33.91 -5.95
N ILE B 282 -16.65 -32.72 -6.11
CA ILE B 282 -17.12 -32.31 -7.42
C ILE B 282 -15.91 -32.24 -8.35
N LEU B 283 -14.83 -31.63 -7.89
CA LEU B 283 -13.65 -31.52 -8.75
C LEU B 283 -12.93 -32.84 -8.96
N GLU B 284 -13.11 -33.76 -8.03
CA GLU B 284 -12.45 -35.03 -8.15
C GLU B 284 -13.25 -35.98 -9.05
N PHE B 285 -14.53 -36.18 -8.74
CA PHE B 285 -15.40 -37.10 -9.48
C PHE B 285 -16.06 -36.58 -10.74
N ASP B 286 -16.41 -35.31 -10.77
CA ASP B 286 -17.10 -34.71 -11.91
C ASP B 286 -16.20 -34.19 -13.01
N THR B 287 -15.34 -33.24 -12.67
CA THR B 287 -14.45 -32.63 -13.63
C THR B 287 -13.05 -33.24 -13.61
N ASN B 288 -12.67 -33.91 -12.53
CA ASN B 288 -11.34 -34.49 -12.44
C ASN B 288 -10.28 -33.36 -12.57
N SER B 289 -10.63 -32.20 -12.04
CA SER B 289 -9.77 -31.03 -12.07
C SER B 289 -8.45 -31.16 -11.29
N LEU B 290 -8.48 -31.87 -10.15
CA LEU B 290 -7.28 -32.03 -9.35
C LEU B 290 -6.25 -32.85 -10.12
N ALA B 291 -6.72 -33.91 -10.78
CA ALA B 291 -5.86 -34.75 -11.59
C ALA B 291 -5.48 -33.97 -12.87
N TYR B 292 -6.37 -33.12 -13.38
CA TYR B 292 -6.01 -32.32 -14.57
C TYR B 292 -4.91 -31.30 -14.21
N THR B 293 -4.91 -30.83 -12.96
CA THR B 293 -3.90 -29.86 -12.55
C THR B 293 -2.53 -30.51 -12.34
N LYS B 294 -2.55 -31.68 -11.67
CA LYS B 294 -1.35 -32.48 -11.36
C LYS B 294 -0.58 -32.70 -12.64
N ASN B 295 -1.33 -33.10 -13.66
CA ASN B 295 -0.79 -33.34 -14.97
C ASN B 295 -0.26 -32.05 -15.61
N PHE B 296 -0.96 -30.92 -15.43
CA PHE B 296 -0.53 -29.65 -16.02
C PHE B 296 0.82 -29.23 -15.43
N ILE B 297 0.92 -29.29 -14.11
CA ILE B 297 2.16 -29.00 -13.43
C ILE B 297 3.29 -29.90 -14.07
N ASN B 298 3.12 -31.23 -14.05
CA ASN B 298 4.12 -32.14 -14.67
C ASN B 298 4.45 -31.72 -16.11
N GLN B 299 3.46 -31.30 -16.86
CA GLN B 299 3.75 -30.85 -18.23
C GLN B 299 4.63 -29.60 -18.28
N LEU B 300 4.57 -28.77 -17.23
CA LEU B 300 5.37 -27.54 -17.18
C LEU B 300 6.77 -27.91 -16.70
N VAL B 301 6.83 -28.81 -15.73
CA VAL B 301 8.11 -29.24 -15.20
C VAL B 301 8.86 -30.02 -16.28
N ASN B 302 8.14 -30.77 -17.11
CA ASN B 302 8.81 -31.56 -18.16
C ASN B 302 9.40 -30.59 -19.18
N MET B 303 8.72 -29.46 -19.43
CA MET B 303 9.25 -28.47 -20.36
C MET B 303 10.67 -28.08 -19.92
N ILE B 304 11.03 -28.42 -18.70
CA ILE B 304 12.34 -28.07 -18.17
C ILE B 304 13.20 -29.32 -18.02
N LYS B 305 12.57 -30.43 -17.66
CA LYS B 305 13.27 -31.68 -17.51
C LYS B 305 13.79 -32.08 -18.87
N ASN B 306 13.02 -31.74 -19.90
CA ASN B 306 13.43 -32.08 -21.26
C ASN B 306 14.03 -30.93 -22.02
N ASP B 307 14.67 -30.00 -21.29
CA ASP B 307 15.29 -28.85 -21.94
C ASP B 307 16.76 -29.15 -22.28
N ASN B 308 16.96 -30.23 -23.03
CA ASN B 308 18.29 -30.67 -23.41
C ASN B 308 19.05 -29.62 -24.20
N GLU B 309 18.31 -28.89 -25.02
CA GLU B 309 18.91 -27.82 -25.81
C GLU B 309 19.31 -26.66 -24.87
N ASN B 310 18.93 -26.77 -23.60
CA ASN B 310 19.18 -25.71 -22.61
C ASN B 310 18.70 -24.34 -23.13
N LYS B 311 17.51 -24.30 -23.73
CA LYS B 311 16.94 -23.05 -24.25
C LYS B 311 16.39 -22.14 -23.14
N TYR B 312 16.03 -22.75 -22.00
CA TYR B 312 15.48 -22.06 -20.83
C TYR B 312 16.49 -22.16 -19.69
N LEU B 313 16.99 -23.37 -19.49
CA LEU B 313 17.98 -23.62 -18.46
C LEU B 313 19.25 -22.87 -18.90
N PRO B 314 20.14 -22.60 -17.95
CA PRO B 314 21.36 -21.89 -18.34
C PRO B 314 22.27 -22.72 -19.27
#